data_4IS6
#
_entry.id   4IS6
#
_cell.length_a   90.290
_cell.length_b   117.590
_cell.length_c   41.890
_cell.angle_alpha   90.000
_cell.angle_beta   90.000
_cell.angle_gamma   90.000
#
_symmetry.space_group_name_H-M   'P 21 21 2'
#
loop_
_entity.id
_entity.type
_entity.pdbx_description
1 polymer 'HLA class II histocompatibility antigen, DR alpha chain'
2 polymer 'HLA class II histocompatibility antigen, DRB1-4 beta chain'
3 polymer 'Melanocyte protein PMEL'
4 water water
#
loop_
_entity_poly.entity_id
_entity_poly.type
_entity_poly.pdbx_seq_one_letter_code
_entity_poly.pdbx_strand_id
1 'polypeptide(L)'
;IKEEHVIIQAEFYLNPDQSGEFMFDFDGDEIFHVDMAKKETVWRLEEFGRFASFEAQGALANIAVDKANLEIMTKRSNYT
PITNVPPEVTVLTNSPVELREPNVLICFIDKFTPPVVNVTWLRNGKPVTTGVSETVFLPREDHLFRKFHYLPFLPSTEDV
YDCRVEHWGLDEPLLKHWEFDA
;
A
2 'polypeptide(L)'
;GDTRPRFLEQVKHECHFFNGTERVRFLDRYFYHQEEYVRFDSDVGEYRAVTELGRPDAEYWNSQKDLLEQKRAAVDTYCR
HNYGVGESFTVQRRVYPEVTVYPAKTQPLQHHNLLVCSVNGFYPGSIEVRWFRNGQEEKTGVVSTGLIQNGDWTFQTLVM
LETVPRSGEVYTCQVEHPSLTSPLTVEWRARS
;
B
3 'polypeptide(L)' WNRQLYPEWTEAQRLD C
#
# COMPACT_ATOMS: atom_id res chain seq x y z
N GLU A 3 13.98 6.23 -14.11
CA GLU A 3 14.12 4.83 -13.62
C GLU A 3 12.77 4.10 -13.47
N GLU A 4 11.66 4.83 -13.65
CA GLU A 4 10.29 4.28 -13.58
C GLU A 4 9.50 4.42 -12.27
N HIS A 5 8.39 5.16 -12.32
CA HIS A 5 7.54 5.38 -11.14
C HIS A 5 6.07 5.41 -11.53
N VAL A 6 5.19 5.50 -10.54
CA VAL A 6 3.74 5.52 -10.75
C VAL A 6 3.01 6.28 -9.65
N ILE A 7 2.14 7.20 -10.05
CA ILE A 7 1.33 7.96 -9.11
C ILE A 7 -0.12 7.65 -9.46
N ILE A 8 -0.93 7.27 -8.48
CA ILE A 8 -2.32 6.96 -8.73
C ILE A 8 -3.26 7.70 -7.77
N GLN A 9 -4.29 8.31 -8.35
CA GLN A 9 -5.30 9.03 -7.58
C GLN A 9 -6.48 8.06 -7.57
N ALA A 10 -6.60 7.25 -6.52
CA ALA A 10 -7.68 6.29 -6.48
C ALA A 10 -8.81 6.75 -5.59
N GLU A 11 -10.02 6.41 -5.99
CA GLU A 11 -11.21 6.79 -5.27
C GLU A 11 -12.27 5.71 -5.41
N PHE A 12 -13.10 5.55 -4.37
CA PHE A 12 -14.16 4.56 -4.42
C PHE A 12 -15.37 5.01 -3.65
N TYR A 13 -16.50 4.36 -3.93
CA TYR A 13 -17.75 4.65 -3.24
C TYR A 13 -18.44 3.33 -2.97
N LEU A 14 -18.97 3.21 -1.74
CA LEU A 14 -19.65 2.01 -1.30
C LEU A 14 -21.07 2.27 -0.83
N ASN A 15 -22.00 1.46 -1.32
CA ASN A 15 -23.40 1.53 -0.96
C ASN A 15 -23.70 0.15 -0.41
N PRO A 16 -24.65 0.04 0.53
CA PRO A 16 -25.45 1.13 1.08
C PRO A 16 -24.75 1.86 2.21
N ASP A 17 -23.47 1.56 2.41
CA ASP A 17 -22.69 2.17 3.47
C ASP A 17 -22.46 3.66 3.26
N GLN A 18 -22.31 4.05 2.00
CA GLN A 18 -22.05 5.44 1.67
C GLN A 18 -20.65 5.78 2.17
N SER A 19 -19.73 4.85 1.93
CA SER A 19 -18.34 5.01 2.30
C SER A 19 -17.64 5.54 1.06
N GLY A 20 -16.92 6.64 1.22
CA GLY A 20 -16.21 7.21 0.11
C GLY A 20 -14.77 7.40 0.48
N GLU A 21 -13.88 7.23 -0.49
CA GLU A 21 -12.47 7.41 -0.19
C GLU A 21 -11.72 8.03 -1.35
N PHE A 22 -10.88 8.99 -1.01
CA PHE A 22 -10.07 9.67 -1.99
C PHE A 22 -8.67 9.72 -1.41
N MET A 23 -7.68 9.33 -2.21
CA MET A 23 -6.28 9.32 -1.77
C MET A 23 -5.30 9.28 -2.97
N PHE A 24 -4.03 9.55 -2.69
CA PHE A 24 -2.98 9.51 -3.71
C PHE A 24 -1.97 8.45 -3.30
N ASP A 25 -1.58 7.63 -4.27
CA ASP A 25 -0.63 6.53 -4.04
C ASP A 25 0.55 6.65 -4.99
N PHE A 26 1.76 6.79 -4.43
CA PHE A 26 2.98 6.88 -5.21
C PHE A 26 3.75 5.59 -4.94
N ASP A 27 3.98 4.80 -5.99
CA ASP A 27 4.72 3.54 -5.86
C ASP A 27 4.30 2.68 -4.68
N GLY A 28 2.99 2.43 -4.53
CA GLY A 28 2.52 1.58 -3.45
C GLY A 28 2.33 2.17 -2.06
N ASP A 29 2.83 3.38 -1.85
CA ASP A 29 2.71 4.05 -0.56
C ASP A 29 1.69 5.18 -0.68
N GLU A 30 1.03 5.54 0.42
CA GLU A 30 0.04 6.63 0.41
C GLU A 30 0.70 7.99 0.63
N ILE A 31 0.32 8.98 -0.17
CA ILE A 31 0.88 10.33 0.00
C ILE A 31 -0.09 11.09 0.94
N PHE A 32 -1.37 10.96 0.65
CA PHE A 32 -2.40 11.59 1.46
C PHE A 32 -3.76 11.05 1.05
N HIS A 33 -4.75 11.30 1.89
CA HIS A 33 -6.11 10.93 1.59
C HIS A 33 -6.93 12.09 2.14
N VAL A 34 -8.16 12.25 1.67
CA VAL A 34 -8.97 13.32 2.19
C VAL A 34 -9.92 12.70 3.19
N ASP A 35 -9.99 13.30 4.38
CA ASP A 35 -10.84 12.86 5.47
C ASP A 35 -12.25 13.37 5.16
N MET A 36 -13.09 12.51 4.60
CA MET A 36 -14.44 12.87 4.22
C MET A 36 -15.31 13.63 5.24
N ALA A 37 -15.28 13.26 6.51
CA ALA A 37 -16.11 13.95 7.49
C ALA A 37 -15.68 15.40 7.81
N LYS A 38 -14.39 15.62 8.08
CA LYS A 38 -13.93 16.99 8.36
C LYS A 38 -13.75 17.78 7.07
N LYS A 39 -13.39 17.06 6.01
CA LYS A 39 -13.16 17.63 4.69
C LYS A 39 -11.84 18.39 4.66
N GLU A 40 -10.81 17.73 5.17
CA GLU A 40 -9.46 18.27 5.21
C GLU A 40 -8.50 17.17 4.75
N THR A 41 -7.40 17.57 4.12
CA THR A 41 -6.44 16.61 3.61
C THR A 41 -5.47 16.11 4.70
N VAL A 42 -5.21 14.80 4.69
CA VAL A 42 -4.35 14.14 5.67
C VAL A 42 -3.15 13.46 4.99
N TRP A 43 -1.97 14.05 5.14
CA TRP A 43 -0.75 13.48 4.55
C TRP A 43 -0.28 12.32 5.38
N ARG A 44 0.16 11.24 4.74
CA ARG A 44 0.61 10.08 5.50
C ARG A 44 1.72 10.51 6.45
N LEU A 45 2.71 11.24 5.94
CA LEU A 45 3.82 11.71 6.75
C LEU A 45 3.70 13.22 6.88
N GLU A 46 3.83 13.72 8.11
CA GLU A 46 3.74 15.15 8.36
C GLU A 46 4.61 15.97 7.40
N GLU A 47 5.82 15.50 7.12
CA GLU A 47 6.75 16.20 6.21
C GLU A 47 6.13 16.64 4.89
N PHE A 48 5.39 15.74 4.25
CA PHE A 48 4.73 16.02 2.98
C PHE A 48 3.97 17.34 3.04
N GLY A 49 3.32 17.59 4.18
CA GLY A 49 2.53 18.78 4.39
C GLY A 49 3.18 20.08 3.96
N ARG A 50 4.30 20.41 4.60
CA ARG A 50 5.03 21.62 4.26
C ARG A 50 5.99 21.24 3.15
N PHE A 51 5.51 21.31 1.90
CA PHE A 51 6.27 20.96 0.69
C PHE A 51 5.30 20.89 -0.49
N ALA A 52 4.06 20.49 -0.21
CA ALA A 52 3.00 20.39 -1.21
C ALA A 52 1.64 20.57 -0.53
N SER A 53 0.60 20.83 -1.33
CA SER A 53 -0.75 21.01 -0.78
C SER A 53 -1.85 20.54 -1.75
N PHE A 54 -3.02 20.26 -1.20
CA PHE A 54 -4.16 19.78 -1.99
C PHE A 54 -5.47 20.34 -1.43
N GLU A 55 -6.31 20.89 -2.28
CA GLU A 55 -7.57 21.40 -1.78
C GLU A 55 -8.59 20.29 -1.66
N ALA A 56 -8.97 19.95 -0.43
CA ALA A 56 -9.94 18.89 -0.17
C ALA A 56 -11.18 18.96 -1.05
N GLN A 57 -11.86 20.10 -1.00
CA GLN A 57 -13.08 20.34 -1.76
C GLN A 57 -13.13 19.74 -3.18
N GLY A 58 -11.97 19.67 -3.84
CA GLY A 58 -11.93 19.11 -5.19
C GLY A 58 -12.12 17.60 -5.21
N ALA A 59 -11.89 16.98 -4.06
CA ALA A 59 -12.04 15.54 -3.92
C ALA A 59 -13.49 15.18 -3.65
N LEU A 60 -14.16 15.95 -2.78
CA LEU A 60 -15.56 15.67 -2.46
C LEU A 60 -16.33 15.72 -3.76
N ALA A 61 -15.90 16.63 -4.63
CA ALA A 61 -16.50 16.83 -5.94
C ALA A 61 -16.53 15.49 -6.65
N ASN A 62 -15.35 14.93 -6.90
CA ASN A 62 -15.23 13.65 -7.58
C ASN A 62 -15.96 12.50 -6.87
N ILE A 63 -15.85 12.43 -5.55
CA ILE A 63 -16.55 11.37 -4.83
C ILE A 63 -18.06 11.51 -5.10
N ALA A 64 -18.59 12.73 -5.03
CA ALA A 64 -20.01 12.92 -5.30
C ALA A 64 -20.37 12.33 -6.67
N VAL A 65 -19.47 12.44 -7.64
CA VAL A 65 -19.72 11.89 -8.98
C VAL A 65 -19.63 10.35 -8.96
N ASP A 66 -18.64 9.81 -8.25
CA ASP A 66 -18.45 8.35 -8.16
C ASP A 66 -19.71 7.72 -7.58
N LYS A 67 -20.36 8.47 -6.68
CA LYS A 67 -21.59 8.02 -6.04
C LYS A 67 -22.72 8.03 -7.04
N ALA A 68 -22.70 9.02 -7.94
CA ALA A 68 -23.72 9.18 -8.97
C ALA A 68 -23.58 8.07 -9.98
N ASN A 69 -22.36 7.86 -10.45
CA ASN A 69 -22.07 6.81 -11.42
C ASN A 69 -22.36 5.43 -10.84
N LEU A 70 -22.22 5.30 -9.52
CA LEU A 70 -22.48 4.01 -8.89
C LEU A 70 -23.97 3.73 -9.04
N GLU A 71 -24.82 4.72 -8.77
CA GLU A 71 -26.28 4.57 -8.92
C GLU A 71 -26.58 3.94 -10.28
N ILE A 72 -25.93 4.49 -11.30
CA ILE A 72 -26.07 4.10 -12.70
C ILE A 72 -25.62 2.68 -12.98
N MET A 73 -24.38 2.39 -12.62
CA MET A 73 -23.82 1.08 -12.85
C MET A 73 -24.53 -0.06 -12.14
N THR A 74 -24.95 0.20 -10.91
CA THR A 74 -25.65 -0.80 -10.14
C THR A 74 -26.81 -1.23 -11.01
N LYS A 75 -27.63 -0.25 -11.37
CA LYS A 75 -28.78 -0.48 -12.21
C LYS A 75 -28.40 -1.21 -13.51
N ARG A 76 -27.28 -0.81 -14.12
CA ARG A 76 -26.84 -1.41 -15.38
C ARG A 76 -26.47 -2.87 -15.25
N SER A 77 -25.68 -3.19 -14.23
CA SER A 77 -25.24 -4.55 -14.01
C SER A 77 -26.43 -5.38 -13.56
N ASN A 78 -27.62 -4.82 -13.73
CA ASN A 78 -28.87 -5.47 -13.33
C ASN A 78 -28.86 -5.83 -11.84
N TYR A 79 -28.42 -4.89 -11.02
CA TYR A 79 -28.37 -5.05 -9.57
C TYR A 79 -27.51 -6.20 -9.09
N THR A 80 -26.34 -6.33 -9.71
CA THR A 80 -25.41 -7.39 -9.35
C THR A 80 -24.53 -6.94 -8.17
N PRO A 81 -24.73 -7.54 -6.99
CA PRO A 81 -23.95 -7.19 -5.81
C PRO A 81 -22.51 -7.67 -5.96
N ILE A 82 -21.62 -7.15 -5.13
CA ILE A 82 -20.22 -7.52 -5.18
C ILE A 82 -20.04 -8.87 -4.51
N THR A 83 -18.92 -9.53 -4.79
CA THR A 83 -18.61 -10.85 -4.24
C THR A 83 -17.59 -10.70 -3.10
N ASN A 84 -18.00 -10.97 -1.87
CA ASN A 84 -17.05 -10.82 -0.77
C ASN A 84 -15.78 -11.63 -1.00
N VAL A 85 -14.62 -11.04 -0.68
CA VAL A 85 -13.34 -11.72 -0.80
C VAL A 85 -12.64 -11.60 0.56
N PRO A 86 -12.56 -12.70 1.33
CA PRO A 86 -11.91 -12.64 2.65
C PRO A 86 -10.45 -12.22 2.53
N PRO A 87 -9.95 -11.52 3.56
CA PRO A 87 -8.57 -11.04 3.61
C PRO A 87 -7.57 -12.01 4.24
N GLU A 88 -6.33 -11.97 3.80
CA GLU A 88 -5.32 -12.82 4.41
C GLU A 88 -4.57 -11.91 5.39
N VAL A 89 -4.70 -12.21 6.67
CA VAL A 89 -4.09 -11.42 7.72
C VAL A 89 -2.71 -11.92 8.17
N THR A 90 -1.74 -11.01 8.18
CA THR A 90 -0.38 -11.34 8.59
C THR A 90 0.01 -10.34 9.68
N VAL A 91 0.57 -10.83 10.77
CA VAL A 91 1.02 -9.95 11.86
C VAL A 91 2.53 -9.99 11.91
N LEU A 92 3.15 -8.84 12.19
CA LEU A 92 4.61 -8.74 12.30
C LEU A 92 5.05 -7.47 13.05
N THR A 93 6.35 -7.34 13.26
CA THR A 93 6.86 -6.18 13.98
C THR A 93 7.70 -5.25 13.10
N ASN A 94 7.61 -3.96 13.42
CA ASN A 94 8.31 -2.90 12.73
C ASN A 94 9.81 -3.16 12.61
N SER A 95 10.42 -3.59 13.71
CA SER A 95 11.86 -3.87 13.76
C SER A 95 12.22 -5.03 14.70
N PRO A 96 13.48 -5.51 14.67
CA PRO A 96 13.90 -6.61 15.55
C PRO A 96 13.40 -6.33 16.96
N VAL A 97 12.88 -7.36 17.61
CA VAL A 97 12.33 -7.18 18.95
C VAL A 97 13.28 -7.37 20.13
N GLU A 98 13.40 -6.35 20.98
CA GLU A 98 14.25 -6.45 22.17
C GLU A 98 13.63 -5.85 23.44
N LEU A 99 13.65 -6.65 24.50
CA LEU A 99 13.10 -6.33 25.81
C LEU A 99 13.09 -4.88 26.29
N ARG A 100 11.92 -4.43 26.74
CA ARG A 100 11.71 -3.08 27.25
C ARG A 100 12.11 -1.96 26.28
N GLU A 101 12.37 -2.32 25.02
CA GLU A 101 12.73 -1.36 23.98
C GLU A 101 11.55 -1.10 23.04
N PRO A 102 10.88 0.05 23.21
CA PRO A 102 9.72 0.47 22.40
C PRO A 102 9.76 -0.06 20.98
N ASN A 103 8.64 -0.65 20.56
CA ASN A 103 8.51 -1.23 19.23
C ASN A 103 7.08 -1.09 18.70
N VAL A 104 6.86 -1.52 17.46
CA VAL A 104 5.53 -1.43 16.88
C VAL A 104 5.08 -2.75 16.28
N LEU A 105 3.84 -3.15 16.62
CA LEU A 105 3.24 -4.36 16.11
C LEU A 105 2.36 -3.95 14.94
N ILE A 106 2.63 -4.53 13.77
CA ILE A 106 1.87 -4.21 12.57
C ILE A 106 0.89 -5.31 12.16
N CYS A 107 -0.34 -4.93 11.83
CA CYS A 107 -1.30 -5.92 11.39
C CYS A 107 -1.66 -5.54 9.97
N PHE A 108 -1.19 -6.35 9.04
CA PHE A 108 -1.38 -6.14 7.61
C PHE A 108 -2.54 -7.00 7.12
N ILE A 109 -3.58 -6.36 6.56
CA ILE A 109 -4.75 -7.06 6.03
C ILE A 109 -4.70 -6.88 4.52
N ASP A 110 -4.63 -7.99 3.80
CA ASP A 110 -4.45 -7.96 2.35
C ASP A 110 -5.50 -8.66 1.49
N LYS A 111 -5.37 -8.44 0.19
CA LYS A 111 -6.22 -9.03 -0.84
C LYS A 111 -7.70 -9.21 -0.50
N PHE A 112 -8.36 -8.11 -0.19
CA PHE A 112 -9.77 -8.20 0.15
C PHE A 112 -10.64 -7.08 -0.42
N THR A 113 -11.94 -7.29 -0.33
CA THR A 113 -12.94 -6.35 -0.81
C THR A 113 -14.27 -6.96 -0.44
N PRO A 114 -15.31 -6.13 -0.20
CA PRO A 114 -15.34 -4.67 -0.27
C PRO A 114 -14.56 -4.01 0.85
N PRO A 115 -14.19 -2.73 0.69
CA PRO A 115 -13.43 -1.93 1.66
C PRO A 115 -14.11 -1.60 2.99
N VAL A 116 -14.48 -2.64 3.72
CA VAL A 116 -15.12 -2.51 5.02
C VAL A 116 -14.71 -3.66 5.94
N VAL A 117 -13.77 -3.37 6.82
CA VAL A 117 -13.23 -4.33 7.76
C VAL A 117 -13.25 -3.71 9.16
N ASN A 118 -13.19 -4.56 10.18
CA ASN A 118 -13.18 -4.15 11.59
C ASN A 118 -12.02 -4.82 12.31
N VAL A 119 -10.95 -4.07 12.58
CA VAL A 119 -9.78 -4.62 13.24
C VAL A 119 -9.68 -4.24 14.72
N THR A 120 -9.25 -5.20 15.55
CA THR A 120 -9.10 -4.98 17.00
C THR A 120 -7.78 -5.56 17.49
N TRP A 121 -7.21 -4.95 18.53
CA TRP A 121 -5.96 -5.41 19.11
C TRP A 121 -6.21 -5.94 20.50
N LEU A 122 -5.72 -7.14 20.78
CA LEU A 122 -5.86 -7.77 22.08
C LEU A 122 -4.48 -8.05 22.64
N ARG A 123 -4.36 -7.91 23.94
CA ARG A 123 -3.12 -8.19 24.62
C ARG A 123 -3.56 -9.08 25.77
N ASN A 124 -3.13 -10.32 25.73
CA ASN A 124 -3.46 -11.28 26.78
C ASN A 124 -4.95 -11.41 27.08
N GLY A 125 -5.79 -11.41 26.06
CA GLY A 125 -7.21 -11.54 26.28
C GLY A 125 -7.97 -10.26 26.08
N LYS A 126 -7.82 -9.32 27.01
CA LYS A 126 -8.50 -8.03 26.94
C LYS A 126 -7.94 -7.19 25.80
N PRO A 127 -8.76 -6.31 25.22
CA PRO A 127 -8.37 -5.44 24.11
C PRO A 127 -7.60 -4.20 24.57
N VAL A 128 -6.72 -3.71 23.70
CA VAL A 128 -5.94 -2.50 23.96
C VAL A 128 -6.27 -1.51 22.88
N THR A 129 -6.39 -0.24 23.26
CA THR A 129 -6.75 0.80 22.32
C THR A 129 -5.94 2.09 22.44
N THR A 130 -4.88 2.06 23.26
CA THR A 130 -4.06 3.24 23.46
C THR A 130 -2.78 3.23 22.64
N GLY A 131 -2.64 4.24 21.78
CA GLY A 131 -1.47 4.33 20.95
C GLY A 131 -1.75 3.83 19.54
N VAL A 132 -2.75 2.97 19.42
CA VAL A 132 -3.12 2.41 18.12
C VAL A 132 -3.33 3.49 17.06
N SER A 133 -3.21 3.10 15.81
CA SER A 133 -3.40 4.00 14.68
C SER A 133 -3.57 3.14 13.45
N GLU A 134 -4.12 3.72 12.39
CA GLU A 134 -4.30 2.92 11.20
C GLU A 134 -4.27 3.76 9.95
N THR A 135 -4.41 3.06 8.83
CA THR A 135 -4.44 3.70 7.55
C THR A 135 -5.81 3.46 6.96
N VAL A 136 -6.07 4.12 5.83
CA VAL A 136 -7.31 3.95 5.10
C VAL A 136 -7.03 2.78 4.17
N PHE A 137 -7.99 2.41 3.35
CA PHE A 137 -7.81 1.30 2.45
C PHE A 137 -6.86 1.66 1.31
N LEU A 138 -5.83 0.84 1.08
CA LEU A 138 -4.91 1.12 0.00
C LEU A 138 -5.27 0.27 -1.19
N PRO A 139 -5.23 0.86 -2.38
CA PRO A 139 -5.55 0.12 -3.60
C PRO A 139 -4.46 -0.87 -3.93
N ARG A 140 -4.86 -2.00 -4.52
CA ARG A 140 -3.91 -3.02 -4.96
C ARG A 140 -4.07 -2.99 -6.46
N GLU A 141 -3.07 -3.47 -7.20
CA GLU A 141 -3.15 -3.47 -8.65
C GLU A 141 -4.32 -4.31 -9.19
N ASP A 142 -4.78 -5.28 -8.39
CA ASP A 142 -5.89 -6.14 -8.78
C ASP A 142 -7.22 -5.59 -8.30
N HIS A 143 -7.18 -4.35 -7.81
CA HIS A 143 -8.37 -3.63 -7.36
C HIS A 143 -9.06 -4.16 -6.11
N LEU A 144 -8.30 -4.91 -5.33
CA LEU A 144 -8.77 -5.41 -4.05
C LEU A 144 -8.17 -4.36 -3.13
N PHE A 145 -8.09 -4.65 -1.84
CA PHE A 145 -7.57 -3.67 -0.90
C PHE A 145 -6.59 -4.19 0.18
N ARG A 146 -5.78 -3.26 0.70
CA ARG A 146 -4.80 -3.51 1.78
C ARG A 146 -5.11 -2.52 2.90
N LYS A 147 -4.45 -2.68 4.03
CA LYS A 147 -4.69 -1.77 5.14
C LYS A 147 -3.73 -2.12 6.28
N PHE A 148 -3.25 -1.14 7.01
CA PHE A 148 -2.34 -1.41 8.11
C PHE A 148 -2.89 -0.85 9.42
N HIS A 149 -2.62 -1.58 10.50
CA HIS A 149 -3.02 -1.16 11.85
C HIS A 149 -1.80 -1.27 12.73
N TYR A 150 -1.51 -0.21 13.47
CA TYR A 150 -0.33 -0.20 14.32
C TYR A 150 -0.60 -0.27 15.82
N LEU A 151 0.42 -0.66 16.58
CA LEU A 151 0.29 -0.78 18.03
C LEU A 151 1.66 -0.67 18.69
N PRO A 152 1.85 0.41 19.47
CA PRO A 152 3.11 0.63 20.18
C PRO A 152 3.08 -0.27 21.40
N PHE A 153 4.25 -0.72 21.85
CA PHE A 153 4.29 -1.59 23.02
C PHE A 153 5.69 -1.82 23.52
N LEU A 154 5.78 -2.26 24.77
CA LEU A 154 7.06 -2.58 25.40
C LEU A 154 7.15 -4.09 25.41
N PRO A 155 8.09 -4.64 24.63
CA PRO A 155 8.26 -6.10 24.55
C PRO A 155 8.47 -6.77 25.90
N SER A 156 7.70 -7.83 26.15
CA SER A 156 7.81 -8.61 27.38
C SER A 156 7.95 -10.10 27.06
N THR A 157 8.18 -10.89 28.11
CA THR A 157 8.34 -12.33 27.99
C THR A 157 7.02 -13.07 28.18
N GLU A 158 6.07 -12.42 28.84
CA GLU A 158 4.77 -13.02 29.12
C GLU A 158 3.56 -12.46 28.36
N ASP A 159 3.78 -11.45 27.53
CA ASP A 159 2.69 -10.85 26.76
C ASP A 159 2.43 -11.50 25.40
N VAL A 160 1.17 -11.87 25.16
CA VAL A 160 0.73 -12.47 23.91
C VAL A 160 -0.31 -11.55 23.25
N TYR A 161 0.07 -10.92 22.13
CA TYR A 161 -0.82 -10.00 21.42
C TYR A 161 -1.62 -10.67 20.31
N ASP A 162 -2.85 -10.17 20.15
CA ASP A 162 -3.80 -10.68 19.18
C ASP A 162 -4.34 -9.64 18.21
N CYS A 163 -4.24 -9.91 16.91
CA CYS A 163 -4.83 -9.00 15.94
C CYS A 163 -6.11 -9.73 15.55
N ARG A 164 -7.24 -9.07 15.78
CA ARG A 164 -8.55 -9.62 15.48
C ARG A 164 -9.19 -8.90 14.29
N VAL A 165 -9.51 -9.66 13.26
CA VAL A 165 -10.09 -9.10 12.04
C VAL A 165 -11.46 -9.68 11.66
N GLU A 166 -12.42 -8.80 11.39
CA GLU A 166 -13.77 -9.23 10.98
C GLU A 166 -14.07 -8.72 9.57
N HIS A 167 -14.67 -9.54 8.72
CA HIS A 167 -14.98 -9.13 7.34
C HIS A 167 -16.01 -10.07 6.76
N TRP A 168 -16.98 -9.52 6.03
CA TRP A 168 -18.07 -10.30 5.43
C TRP A 168 -17.62 -11.55 4.65
N GLY A 169 -16.39 -11.55 4.16
CA GLY A 169 -15.88 -12.69 3.42
C GLY A 169 -15.51 -13.87 4.31
N LEU A 170 -15.29 -13.61 5.60
CA LEU A 170 -14.92 -14.63 6.57
C LEU A 170 -16.20 -15.11 7.24
N ASP A 171 -16.44 -16.41 7.34
CA ASP A 171 -17.66 -16.83 8.01
C ASP A 171 -17.55 -16.68 9.53
N GLU A 172 -16.36 -16.32 9.99
CA GLU A 172 -16.13 -16.11 11.41
C GLU A 172 -14.89 -15.24 11.60
N PRO A 173 -14.86 -14.46 12.68
CA PRO A 173 -13.71 -13.58 12.95
C PRO A 173 -12.38 -14.34 12.99
N LEU A 174 -11.35 -13.71 12.46
CA LEU A 174 -10.02 -14.31 12.43
C LEU A 174 -9.13 -13.79 13.55
N LEU A 175 -8.12 -14.58 13.89
CA LEU A 175 -7.21 -14.17 14.94
C LEU A 175 -5.79 -14.45 14.46
N LYS A 176 -4.87 -13.55 14.78
CA LYS A 176 -3.47 -13.70 14.40
C LYS A 176 -2.61 -13.42 15.64
N HIS A 177 -2.09 -14.50 16.23
CA HIS A 177 -1.25 -14.48 17.42
C HIS A 177 0.18 -13.97 17.20
N TRP A 178 0.73 -13.32 18.22
CA TRP A 178 2.11 -12.86 18.22
C TRP A 178 2.57 -12.72 19.66
N GLU A 179 3.71 -13.33 19.98
CA GLU A 179 4.28 -13.27 21.32
C GLU A 179 5.78 -13.40 21.17
N PHE A 180 6.52 -12.95 22.18
CA PHE A 180 7.98 -13.01 22.12
C PHE A 180 8.53 -14.41 21.83
N ASP A 181 8.24 -15.35 22.72
CA ASP A 181 8.69 -16.75 22.65
C ASP A 181 9.41 -17.07 23.96
N ASP B 2 -25.46 -7.70 9.30
CA ASP B 2 -25.73 -6.87 8.08
C ASP B 2 -25.21 -7.54 6.83
N THR B 3 -26.08 -8.29 6.18
CA THR B 3 -25.69 -8.98 4.97
C THR B 3 -26.41 -8.45 3.73
N ARG B 4 -26.65 -7.15 3.67
CA ARG B 4 -27.29 -6.57 2.50
C ARG B 4 -26.27 -6.48 1.40
N PRO B 5 -26.68 -6.67 0.14
CA PRO B 5 -25.69 -6.57 -0.94
C PRO B 5 -24.94 -5.24 -0.89
N ARG B 6 -23.74 -5.22 -1.43
CA ARG B 6 -22.92 -4.03 -1.45
C ARG B 6 -22.56 -3.78 -2.91
N PHE B 7 -22.46 -2.51 -3.30
CA PHE B 7 -22.09 -2.16 -4.66
C PHE B 7 -20.90 -1.21 -4.62
N LEU B 8 -19.78 -1.63 -5.21
CA LEU B 8 -18.54 -0.86 -5.22
C LEU B 8 -18.22 -0.13 -6.52
N GLU B 9 -17.78 1.11 -6.37
CA GLU B 9 -17.41 1.96 -7.49
C GLU B 9 -15.99 2.44 -7.31
N GLN B 10 -15.12 2.19 -8.28
CA GLN B 10 -13.74 2.65 -8.18
C GLN B 10 -13.36 3.45 -9.40
N VAL B 11 -12.41 4.35 -9.21
CA VAL B 11 -11.90 5.17 -10.28
C VAL B 11 -10.41 5.27 -9.98
N LYS B 12 -9.58 5.13 -10.99
CA LYS B 12 -8.16 5.24 -10.76
C LYS B 12 -7.56 6.08 -11.86
N HIS B 13 -6.97 7.19 -11.43
CA HIS B 13 -6.32 8.14 -12.30
C HIS B 13 -4.86 7.80 -12.15
N GLU B 14 -4.32 7.11 -13.15
CA GLU B 14 -2.94 6.67 -13.12
C GLU B 14 -1.96 7.45 -13.98
N CYS B 15 -0.76 7.68 -13.45
CA CYS B 15 0.30 8.38 -14.15
C CYS B 15 1.52 7.47 -14.11
N HIS B 16 1.98 7.05 -15.29
CA HIS B 16 3.15 6.17 -15.41
C HIS B 16 4.34 6.96 -15.98
N PHE B 17 5.44 6.94 -15.25
CA PHE B 17 6.63 7.70 -15.66
C PHE B 17 7.79 6.78 -16.06
N PHE B 18 8.47 7.16 -17.14
CA PHE B 18 9.63 6.39 -17.60
C PHE B 18 10.78 7.38 -17.72
N ASN B 19 12.00 6.93 -17.41
CA ASN B 19 13.17 7.81 -17.47
C ASN B 19 12.83 9.20 -16.92
N GLY B 20 12.22 9.24 -15.74
CA GLY B 20 11.86 10.51 -15.14
C GLY B 20 10.55 11.04 -15.67
N THR B 21 10.44 12.37 -15.71
CA THR B 21 9.24 13.05 -16.18
C THR B 21 9.23 13.09 -17.71
N GLU B 22 10.11 12.30 -18.33
CA GLU B 22 10.24 12.30 -19.79
C GLU B 22 9.09 11.67 -20.56
N ARG B 23 9.17 10.35 -20.76
CA ARG B 23 8.12 9.65 -21.49
C ARG B 23 7.06 9.22 -20.49
N VAL B 24 5.88 9.86 -20.55
CA VAL B 24 4.78 9.57 -19.60
C VAL B 24 3.53 8.96 -20.24
N ARG B 25 2.70 8.29 -19.43
CA ARG B 25 1.45 7.66 -19.89
C ARG B 25 0.36 7.78 -18.81
N PHE B 26 -0.76 8.37 -19.18
CA PHE B 26 -1.86 8.57 -18.26
C PHE B 26 -3.07 7.67 -18.54
N LEU B 27 -3.62 7.10 -17.47
CA LEU B 27 -4.80 6.21 -17.56
C LEU B 27 -5.95 6.67 -16.70
N ASP B 28 -7.14 6.75 -17.32
CA ASP B 28 -8.35 7.12 -16.62
C ASP B 28 -9.18 5.85 -16.58
N ARG B 29 -9.13 5.15 -15.46
CA ARG B 29 -9.84 3.88 -15.32
C ARG B 29 -11.04 3.92 -14.39
N TYR B 30 -12.13 3.33 -14.84
CA TYR B 30 -13.37 3.27 -14.08
C TYR B 30 -13.76 1.82 -13.83
N PHE B 31 -14.06 1.50 -12.57
CA PHE B 31 -14.43 0.13 -12.20
C PHE B 31 -15.74 -0.03 -11.45
N TYR B 32 -16.41 -1.14 -11.70
CA TYR B 32 -17.64 -1.49 -11.00
C TYR B 32 -17.22 -2.79 -10.30
N HIS B 33 -17.03 -2.69 -8.98
CA HIS B 33 -16.55 -3.78 -8.15
C HIS B 33 -15.05 -3.83 -8.45
N GLN B 34 -14.61 -4.83 -9.21
CA GLN B 34 -13.20 -4.94 -9.58
C GLN B 34 -13.02 -4.96 -11.08
N GLU B 35 -14.11 -5.11 -11.84
CA GLU B 35 -13.98 -5.14 -13.28
C GLU B 35 -13.97 -3.73 -13.83
N GLU B 36 -12.88 -3.39 -14.50
CA GLU B 36 -12.72 -2.08 -15.13
C GLU B 36 -13.67 -2.21 -16.30
N TYR B 37 -14.44 -1.16 -16.61
CA TYR B 37 -15.40 -1.24 -17.71
C TYR B 37 -15.20 -0.23 -18.84
N VAL B 38 -14.31 0.73 -18.63
CA VAL B 38 -14.01 1.76 -19.63
C VAL B 38 -12.80 2.54 -19.16
N ARG B 39 -11.95 2.96 -20.09
CA ARG B 39 -10.78 3.73 -19.72
C ARG B 39 -10.17 4.56 -20.84
N PHE B 40 -9.58 5.68 -20.45
CA PHE B 40 -8.92 6.57 -21.39
C PHE B 40 -7.45 6.23 -21.32
N ASP B 41 -6.91 5.77 -22.44
CA ASP B 41 -5.50 5.43 -22.52
C ASP B 41 -4.82 6.61 -23.19
N SER B 42 -3.88 7.24 -22.50
CA SER B 42 -3.20 8.41 -23.06
C SER B 42 -2.63 8.05 -24.42
N ASP B 43 -2.11 6.82 -24.53
CA ASP B 43 -1.52 6.35 -25.77
C ASP B 43 -2.59 6.11 -26.86
N VAL B 44 -3.86 6.04 -26.46
CA VAL B 44 -4.95 5.83 -27.42
C VAL B 44 -5.67 7.10 -27.89
N GLY B 45 -5.81 8.09 -27.00
CA GLY B 45 -6.45 9.33 -27.39
C GLY B 45 -7.93 9.48 -27.01
N GLU B 46 -8.66 8.37 -26.97
CA GLU B 46 -10.08 8.40 -26.62
C GLU B 46 -10.49 7.22 -25.75
N TYR B 47 -11.55 7.39 -24.97
CA TYR B 47 -12.02 6.32 -24.10
C TYR B 47 -12.37 5.10 -24.94
N ARG B 48 -12.01 3.93 -24.42
CA ARG B 48 -12.26 2.64 -25.07
C ARG B 48 -13.01 1.82 -24.01
N ALA B 49 -13.97 1.01 -24.44
CA ALA B 49 -14.73 0.20 -23.48
C ALA B 49 -14.00 -1.10 -23.10
N VAL B 50 -13.80 -1.30 -21.79
CA VAL B 50 -13.11 -2.48 -21.30
C VAL B 50 -14.00 -3.71 -21.42
N THR B 51 -15.19 -3.64 -20.82
CA THR B 51 -16.16 -4.72 -20.92
C THR B 51 -17.36 -4.11 -21.62
N GLU B 52 -18.37 -4.93 -21.90
CA GLU B 52 -19.53 -4.44 -22.62
C GLU B 52 -20.42 -3.57 -21.75
N LEU B 53 -20.18 -3.60 -20.45
CA LEU B 53 -20.95 -2.81 -19.50
C LEU B 53 -20.54 -1.33 -19.63
N GLY B 54 -19.43 -1.09 -20.31
CA GLY B 54 -18.95 0.26 -20.49
C GLY B 54 -19.15 0.86 -21.88
N ARG B 55 -19.81 0.12 -22.77
CA ARG B 55 -20.05 0.63 -24.14
C ARG B 55 -20.68 2.04 -24.18
N PRO B 56 -21.77 2.28 -23.40
CA PRO B 56 -22.45 3.59 -23.39
C PRO B 56 -21.60 4.76 -22.91
N ASP B 57 -20.71 4.49 -21.95
CA ASP B 57 -19.86 5.52 -21.37
C ASP B 57 -18.77 6.05 -22.30
N ALA B 58 -18.19 5.15 -23.09
CA ALA B 58 -17.15 5.54 -24.03
C ALA B 58 -17.77 6.39 -25.16
N GLU B 59 -18.88 5.89 -25.72
CA GLU B 59 -19.55 6.60 -26.79
C GLU B 59 -20.00 7.99 -26.33
N TYR B 60 -20.51 8.07 -25.11
CA TYR B 60 -20.96 9.36 -24.55
C TYR B 60 -19.83 10.37 -24.30
N TRP B 61 -18.72 9.91 -23.75
CA TRP B 61 -17.61 10.83 -23.49
C TRP B 61 -16.83 11.26 -24.72
N ASN B 62 -16.69 10.38 -25.70
CA ASN B 62 -15.95 10.73 -26.89
C ASN B 62 -16.68 11.84 -27.63
N SER B 63 -18.00 11.89 -27.51
CA SER B 63 -18.78 12.92 -28.19
C SER B 63 -18.24 14.28 -27.79
N GLN B 64 -18.22 14.53 -26.49
CA GLN B 64 -17.72 15.80 -25.95
C GLN B 64 -16.23 15.96 -26.26
N LYS B 65 -15.89 16.61 -27.37
CA LYS B 65 -14.48 16.79 -27.68
C LYS B 65 -13.88 17.86 -26.79
N ASP B 66 -14.76 18.57 -26.09
CA ASP B 66 -14.33 19.63 -25.17
C ASP B 66 -13.77 18.93 -23.93
N LEU B 67 -14.20 17.69 -23.76
CA LEU B 67 -13.75 16.86 -22.65
C LEU B 67 -12.48 16.16 -23.11
N LEU B 68 -12.56 15.49 -24.26
CA LEU B 68 -11.41 14.78 -24.82
C LEU B 68 -10.15 15.65 -24.86
N GLU B 69 -10.34 16.96 -24.77
CA GLU B 69 -9.20 17.86 -24.80
C GLU B 69 -8.50 17.91 -23.45
N GLN B 70 -9.27 17.81 -22.36
CA GLN B 70 -8.66 17.84 -21.04
C GLN B 70 -7.81 16.60 -20.80
N LYS B 71 -8.40 15.43 -20.98
CA LYS B 71 -7.68 14.18 -20.78
C LYS B 71 -6.46 14.05 -21.68
N ARG B 72 -6.52 14.62 -22.89
CA ARG B 72 -5.39 14.55 -23.79
C ARG B 72 -4.25 15.47 -23.38
N ALA B 73 -4.52 16.33 -22.40
CA ALA B 73 -3.52 17.28 -21.90
C ALA B 73 -3.09 16.89 -20.49
N ALA B 74 -3.72 15.86 -19.95
CA ALA B 74 -3.44 15.36 -18.61
C ALA B 74 -1.97 15.01 -18.39
N VAL B 75 -1.38 14.24 -19.30
CA VAL B 75 0.02 13.86 -19.15
C VAL B 75 0.85 15.08 -18.76
N ASP B 76 0.47 16.26 -19.25
CA ASP B 76 1.19 17.50 -18.95
C ASP B 76 0.51 18.35 -17.89
N THR B 77 -0.82 18.39 -17.93
CA THR B 77 -1.58 19.19 -17.00
C THR B 77 -1.77 18.51 -15.64
N TYR B 78 -1.85 17.18 -15.66
CA TYR B 78 -2.06 16.38 -14.44
C TYR B 78 -0.80 15.63 -13.99
N CYS B 79 -0.38 14.67 -14.80
CA CYS B 79 0.78 13.84 -14.50
C CYS B 79 2.09 14.60 -14.30
N ARG B 80 2.67 15.09 -15.39
CA ARG B 80 3.94 15.82 -15.31
C ARG B 80 3.89 16.95 -14.27
N HIS B 81 2.73 17.57 -14.10
CA HIS B 81 2.65 18.63 -13.13
C HIS B 81 2.79 18.11 -11.70
N ASN B 82 2.05 17.06 -11.36
CA ASN B 82 2.14 16.53 -10.01
C ASN B 82 3.50 15.90 -9.73
N TYR B 83 4.10 15.29 -10.75
CA TYR B 83 5.41 14.67 -10.57
C TYR B 83 6.45 15.70 -10.11
N GLY B 84 6.38 16.90 -10.66
CA GLY B 84 7.31 17.94 -10.26
C GLY B 84 7.05 18.44 -8.85
N VAL B 85 5.78 18.67 -8.53
CA VAL B 85 5.40 19.12 -7.21
C VAL B 85 5.88 18.15 -6.12
N GLY B 86 5.70 16.86 -6.37
CA GLY B 86 6.09 15.86 -5.38
C GLY B 86 7.42 15.10 -5.48
N GLU B 87 8.15 15.20 -6.58
CA GLU B 87 9.42 14.46 -6.72
C GLU B 87 10.42 14.77 -5.61
N SER B 88 10.32 15.96 -5.03
CA SER B 88 11.22 16.38 -3.97
C SER B 88 11.16 15.42 -2.79
N PHE B 89 9.96 14.92 -2.47
CA PHE B 89 9.81 14.02 -1.35
C PHE B 89 9.38 12.58 -1.62
N THR B 90 9.13 12.24 -2.90
CA THR B 90 8.77 10.87 -3.24
C THR B 90 9.92 10.28 -4.03
N VAL B 91 10.13 10.77 -5.25
CA VAL B 91 11.20 10.28 -6.11
C VAL B 91 12.58 10.34 -5.48
N GLN B 92 12.88 11.44 -4.81
CA GLN B 92 14.19 11.58 -4.20
C GLN B 92 14.29 11.10 -2.77
N ARG B 93 13.20 10.60 -2.21
CA ARG B 93 13.24 10.13 -0.83
C ARG B 93 14.30 9.02 -0.67
N ARG B 94 15.13 9.17 0.36
CA ARG B 94 16.19 8.22 0.69
C ARG B 94 16.22 8.08 2.20
N VAL B 95 16.07 6.84 2.66
CA VAL B 95 16.08 6.54 4.09
C VAL B 95 17.07 5.42 4.39
N TYR B 96 17.95 5.66 5.36
CA TYR B 96 18.98 4.72 5.77
C TYR B 96 18.43 3.39 6.27
N PRO B 97 18.99 2.28 5.78
CA PRO B 97 18.50 0.98 6.27
C PRO B 97 19.14 0.73 7.65
N GLU B 98 18.53 -0.11 8.48
CA GLU B 98 19.09 -0.43 9.78
C GLU B 98 19.33 -1.92 9.81
N VAL B 99 20.59 -2.32 9.92
CA VAL B 99 20.91 -3.75 9.92
C VAL B 99 21.23 -4.37 11.29
N THR B 100 20.47 -5.39 11.65
CA THR B 100 20.65 -6.10 12.90
C THR B 100 20.79 -7.60 12.62
N VAL B 101 21.83 -8.23 13.15
CA VAL B 101 22.01 -9.67 12.94
C VAL B 101 21.81 -10.42 14.26
N TYR B 102 20.90 -11.40 14.23
CA TYR B 102 20.63 -12.17 15.43
C TYR B 102 20.22 -13.62 15.18
N PRO B 103 20.37 -14.46 16.22
CA PRO B 103 20.04 -15.88 16.20
C PRO B 103 18.53 -16.02 16.29
N ALA B 104 17.95 -16.79 15.36
CA ALA B 104 16.51 -17.01 15.31
C ALA B 104 15.89 -17.43 16.65
N LYS B 105 14.80 -16.76 17.04
CA LYS B 105 14.09 -17.10 18.27
C LYS B 105 13.17 -18.25 17.87
N THR B 106 13.80 -19.23 17.23
CA THR B 106 13.17 -20.46 16.74
C THR B 106 14.34 -21.40 16.41
N GLN B 107 14.26 -22.11 15.27
CA GLN B 107 15.31 -23.05 14.83
C GLN B 107 14.72 -24.28 14.17
N PRO B 108 13.84 -24.10 13.18
CA PRO B 108 13.19 -25.20 12.44
C PRO B 108 14.13 -25.72 11.36
N LEU B 109 14.99 -26.67 11.72
CA LEU B 109 15.93 -27.24 10.77
C LEU B 109 16.90 -28.26 11.36
N GLN B 110 16.71 -28.61 12.63
CA GLN B 110 17.58 -29.58 13.28
C GLN B 110 18.70 -28.90 14.04
N HIS B 111 19.88 -29.52 14.09
CA HIS B 111 21.01 -28.91 14.79
C HIS B 111 21.87 -28.02 13.87
N HIS B 112 21.20 -27.04 13.28
CA HIS B 112 21.80 -26.04 12.41
C HIS B 112 21.27 -24.75 13.03
N ASN B 113 22.10 -23.72 13.09
CA ASN B 113 21.67 -22.46 13.68
C ASN B 113 21.24 -21.46 12.59
N LEU B 114 19.97 -21.05 12.64
CA LEU B 114 19.45 -20.11 11.66
C LEU B 114 19.78 -18.66 12.05
N LEU B 115 20.60 -18.02 11.22
CA LEU B 115 21.05 -16.64 11.40
C LEU B 115 20.18 -15.65 10.64
N VAL B 116 19.66 -14.64 11.33
CA VAL B 116 18.81 -13.68 10.67
C VAL B 116 19.45 -12.32 10.46
N CYS B 117 19.30 -11.76 9.26
CA CYS B 117 19.82 -10.43 8.99
C CYS B 117 18.59 -9.58 8.69
N SER B 118 18.25 -8.71 9.63
CA SER B 118 17.09 -7.84 9.50
C SER B 118 17.48 -6.44 9.06
N VAL B 119 16.93 -6.00 7.93
CA VAL B 119 17.19 -4.67 7.39
C VAL B 119 15.88 -3.92 7.57
N ASN B 120 15.88 -2.88 8.40
CA ASN B 120 14.67 -2.14 8.73
C ASN B 120 14.62 -0.67 8.42
N GLY B 121 13.39 -0.19 8.22
CA GLY B 121 13.08 1.21 7.96
C GLY B 121 13.70 1.98 6.82
N PHE B 122 14.02 1.31 5.72
CA PHE B 122 14.66 1.97 4.58
C PHE B 122 13.74 2.33 3.41
N TYR B 123 14.20 3.23 2.54
CA TYR B 123 13.46 3.67 1.35
C TYR B 123 14.48 4.30 0.41
N PRO B 124 14.33 4.09 -0.91
CA PRO B 124 13.27 3.33 -1.57
C PRO B 124 13.36 1.84 -1.34
N GLY B 125 12.49 1.11 -2.03
CA GLY B 125 12.45 -0.33 -1.91
C GLY B 125 13.66 -1.07 -2.47
N SER B 126 14.33 -0.49 -3.46
CA SER B 126 15.50 -1.15 -4.03
C SER B 126 16.61 -1.32 -3.00
N ILE B 127 16.99 -2.56 -2.74
CA ILE B 127 18.04 -2.90 -1.78
C ILE B 127 18.61 -4.26 -2.15
N GLU B 128 19.76 -4.58 -1.58
CA GLU B 128 20.43 -5.84 -1.84
C GLU B 128 21.16 -6.31 -0.59
N VAL B 129 20.79 -7.49 -0.09
CA VAL B 129 21.42 -8.03 1.12
C VAL B 129 22.10 -9.36 0.80
N ARG B 130 23.37 -9.49 1.18
CA ARG B 130 24.15 -10.71 0.95
C ARG B 130 24.98 -11.13 2.19
N TRP B 131 25.08 -12.45 2.39
CA TRP B 131 25.82 -13.01 3.53
C TRP B 131 27.25 -13.40 3.18
N PHE B 132 28.15 -13.24 4.15
CA PHE B 132 29.56 -13.61 3.94
C PHE B 132 30.11 -14.39 5.13
N ARG B 133 30.96 -15.38 4.85
CA ARG B 133 31.61 -16.19 5.89
C ARG B 133 33.12 -16.14 5.72
N ASN B 134 33.79 -15.70 6.78
CA ASN B 134 35.26 -15.55 6.80
C ASN B 134 35.81 -15.25 5.41
N GLY B 135 35.09 -14.43 4.64
CA GLY B 135 35.52 -14.09 3.30
C GLY B 135 34.88 -15.05 2.32
N GLN B 136 34.16 -14.50 1.35
CA GLN B 136 33.44 -15.27 0.32
C GLN B 136 31.94 -15.16 0.60
N GLU B 137 31.15 -15.30 -0.46
CA GLU B 137 29.72 -15.23 -0.35
C GLU B 137 29.07 -16.58 -0.11
N GLU B 138 27.91 -16.55 0.55
CA GLU B 138 27.14 -17.76 0.86
C GLU B 138 25.88 -17.69 0.00
N LYS B 139 25.98 -18.13 -1.26
CA LYS B 139 24.82 -18.10 -2.17
C LYS B 139 23.76 -19.14 -1.80
N THR B 140 24.20 -20.35 -1.50
CA THR B 140 23.28 -21.41 -1.14
C THR B 140 23.05 -21.48 0.37
N GLY B 141 21.83 -21.77 0.78
CA GLY B 141 21.51 -21.87 2.20
C GLY B 141 21.09 -20.56 2.83
N VAL B 142 20.48 -19.69 2.02
CA VAL B 142 20.03 -18.39 2.48
C VAL B 142 18.78 -17.95 1.74
N VAL B 143 17.67 -17.89 2.45
CA VAL B 143 16.41 -17.46 1.85
C VAL B 143 15.83 -16.28 2.62
N SER B 144 15.19 -15.36 1.90
CA SER B 144 14.63 -14.16 2.50
C SER B 144 13.12 -14.05 2.43
N THR B 145 12.61 -12.99 3.04
CA THR B 145 11.18 -12.70 3.08
C THR B 145 10.80 -11.80 1.92
N GLY B 146 11.80 -11.38 1.14
CA GLY B 146 11.53 -10.48 0.05
C GLY B 146 11.33 -9.11 0.64
N LEU B 147 10.64 -8.24 -0.10
CA LEU B 147 10.41 -6.87 0.36
C LEU B 147 9.08 -6.76 1.10
N ILE B 148 9.13 -6.26 2.32
CA ILE B 148 7.92 -6.08 3.12
C ILE B 148 7.65 -4.58 3.23
N GLN B 149 6.39 -4.19 3.06
CA GLN B 149 6.06 -2.80 3.20
C GLN B 149 5.47 -2.56 4.55
N ASN B 150 5.95 -1.56 5.27
CA ASN B 150 5.42 -1.24 6.59
C ASN B 150 4.22 -0.32 6.45
N GLY B 151 4.01 0.18 5.23
CA GLY B 151 2.90 1.08 4.97
C GLY B 151 3.12 2.54 5.36
N ASP B 152 4.27 2.83 5.96
CA ASP B 152 4.58 4.19 6.38
C ASP B 152 5.80 4.68 5.62
N TRP B 153 5.92 4.24 4.37
CA TRP B 153 7.00 4.64 3.50
C TRP B 153 8.38 4.12 3.86
N THR B 154 8.44 2.98 4.51
CA THR B 154 9.73 2.36 4.82
C THR B 154 9.51 0.89 4.58
N PHE B 155 10.60 0.16 4.39
CA PHE B 155 10.50 -1.26 4.15
C PHE B 155 11.35 -2.02 5.13
N GLN B 156 11.26 -3.34 5.02
CA GLN B 156 12.05 -4.22 5.82
C GLN B 156 12.13 -5.51 5.03
N THR B 157 13.20 -6.25 5.26
CA THR B 157 13.40 -7.52 4.58
C THR B 157 14.38 -8.33 5.41
N LEU B 158 14.04 -9.60 5.65
CA LEU B 158 14.88 -10.49 6.41
C LEU B 158 15.47 -11.53 5.48
N VAL B 159 16.80 -11.62 5.50
CA VAL B 159 17.54 -12.59 4.70
C VAL B 159 18.19 -13.55 5.68
N MET B 160 17.49 -14.66 5.92
CA MET B 160 17.92 -15.72 6.82
C MET B 160 19.05 -16.57 6.22
N LEU B 161 19.89 -17.13 7.10
CA LEU B 161 21.00 -17.98 6.67
C LEU B 161 21.07 -19.21 7.54
N GLU B 162 20.96 -20.37 6.90
CA GLU B 162 21.04 -21.64 7.63
C GLU B 162 22.53 -21.99 7.71
N THR B 163 23.09 -21.78 8.90
CA THR B 163 24.50 -22.04 9.13
C THR B 163 24.77 -23.24 10.03
N VAL B 164 25.94 -23.84 9.82
CA VAL B 164 26.39 -24.98 10.61
C VAL B 164 27.46 -24.41 11.52
N PRO B 165 27.13 -24.21 12.81
CA PRO B 165 27.98 -23.66 13.86
C PRO B 165 29.31 -24.34 14.21
N ARG B 166 30.40 -23.57 14.13
CA ARG B 166 31.73 -24.04 14.50
C ARG B 166 32.55 -22.84 14.92
N SER B 167 32.64 -22.63 16.23
CA SER B 167 33.39 -21.52 16.81
C SER B 167 34.77 -21.34 16.17
N GLY B 168 35.02 -20.12 15.71
CA GLY B 168 36.27 -19.78 15.05
C GLY B 168 35.95 -19.12 13.72
N GLU B 169 34.66 -18.86 13.51
CA GLU B 169 34.15 -18.24 12.29
C GLU B 169 33.43 -16.96 12.60
N VAL B 170 33.43 -16.06 11.62
CA VAL B 170 32.77 -14.76 11.75
C VAL B 170 31.81 -14.61 10.56
N TYR B 171 30.59 -14.16 10.83
CA TYR B 171 29.60 -13.97 9.78
C TYR B 171 29.29 -12.51 9.52
N THR B 172 29.32 -12.14 8.24
CA THR B 172 29.08 -10.78 7.85
C THR B 172 27.90 -10.57 6.91
N CYS B 173 26.98 -9.72 7.30
CA CYS B 173 25.81 -9.41 6.46
C CYS B 173 26.14 -8.09 5.76
N GLN B 174 26.04 -8.06 4.44
CA GLN B 174 26.33 -6.82 3.72
C GLN B 174 25.14 -6.29 2.93
N VAL B 175 24.87 -4.99 3.12
CA VAL B 175 23.75 -4.30 2.47
C VAL B 175 24.20 -3.11 1.62
N GLU B 176 23.69 -3.09 0.40
CA GLU B 176 23.98 -2.01 -0.54
C GLU B 176 22.61 -1.39 -0.89
N HIS B 177 22.49 -0.08 -0.63
CA HIS B 177 21.23 0.65 -0.84
C HIS B 177 21.52 2.03 -1.45
N PRO B 178 20.56 2.56 -2.23
CA PRO B 178 20.73 3.88 -2.87
C PRO B 178 21.07 4.99 -1.87
N SER B 179 20.63 4.83 -0.63
CA SER B 179 20.87 5.83 0.40
C SER B 179 22.24 5.70 1.06
N LEU B 180 22.98 4.66 0.70
CA LEU B 180 24.29 4.40 1.27
C LEU B 180 25.43 4.85 0.38
N THR B 181 26.44 5.44 1.01
CA THR B 181 27.64 5.90 0.30
C THR B 181 28.53 4.68 -0.01
N SER B 182 28.40 3.64 0.82
CA SER B 182 29.16 2.40 0.71
C SER B 182 28.47 1.34 1.57
N PRO B 183 28.58 0.06 1.17
CA PRO B 183 27.99 -1.10 1.84
C PRO B 183 28.00 -1.02 3.35
N LEU B 184 26.92 -1.51 3.95
CA LEU B 184 26.80 -1.54 5.39
C LEU B 184 27.13 -2.98 5.72
N THR B 185 27.88 -3.20 6.80
CA THR B 185 28.27 -4.56 7.16
C THR B 185 28.14 -4.83 8.65
N VAL B 186 27.52 -5.94 8.99
CA VAL B 186 27.32 -6.34 10.38
C VAL B 186 27.89 -7.75 10.59
N GLU B 187 28.77 -7.91 11.58
CA GLU B 187 29.36 -9.22 11.80
C GLU B 187 28.66 -9.95 12.96
N TRP B 188 28.80 -11.27 12.99
CA TRP B 188 28.21 -12.08 14.04
C TRP B 188 29.18 -13.19 14.39
N ARG B 189 29.55 -13.29 15.67
CA ARG B 189 30.49 -14.31 16.12
C ARG B 189 29.85 -15.41 16.98
N ARG C 3 4.36 24.21 -4.47
CA ARG C 3 3.22 23.94 -5.40
C ARG C 3 2.21 23.00 -4.76
N GLN C 4 1.13 22.71 -5.48
CA GLN C 4 0.10 21.84 -4.96
C GLN C 4 -0.30 20.77 -5.97
N LEU C 5 -0.81 19.66 -5.45
CA LEU C 5 -1.22 18.57 -6.33
C LEU C 5 -2.58 18.90 -6.91
N TYR C 6 -2.74 18.62 -8.20
CA TYR C 6 -4.01 18.85 -8.89
C TYR C 6 -4.80 17.54 -9.06
N PRO C 7 -6.06 17.53 -8.61
CA PRO C 7 -6.82 16.29 -8.76
C PRO C 7 -7.31 16.20 -10.20
N GLU C 8 -7.32 15.00 -10.77
CA GLU C 8 -7.81 14.83 -12.13
C GLU C 8 -9.31 14.57 -11.95
N TRP C 9 -10.14 15.23 -12.74
CA TRP C 9 -11.58 15.11 -12.62
C TRP C 9 -12.13 13.75 -13.01
N THR C 10 -13.20 13.35 -12.31
CA THR C 10 -13.88 12.09 -12.59
C THR C 10 -15.11 12.45 -13.38
N GLU C 11 -15.13 12.00 -14.63
CA GLU C 11 -16.22 12.30 -15.52
C GLU C 11 -17.51 11.58 -15.16
N ALA C 12 -18.63 12.27 -15.32
CA ALA C 12 -19.93 11.69 -14.99
C ALA C 12 -20.58 10.98 -16.16
N GLN C 13 -21.19 9.84 -15.87
CA GLN C 13 -21.87 9.05 -16.88
C GLN C 13 -23.33 9.48 -16.99
N ARG C 14 -24.01 8.98 -18.02
CA ARG C 14 -25.41 9.29 -18.32
C ARG C 14 -26.33 8.10 -18.02
N LEU C 15 -27.52 8.35 -17.50
CA LEU C 15 -28.44 7.24 -17.24
C LEU C 15 -29.73 7.38 -18.06
#